data_3ZX1
#
_entry.id   3ZX1
#
_cell.length_a   48.810
_cell.length_b   94.860
_cell.length_c   50.380
_cell.angle_alpha   90.00
_cell.angle_beta   100.63
_cell.angle_gamma   90.00
#
_symmetry.space_group_name_H-M   'P 1 21 1'
#
loop_
_entity.id
_entity.type
_entity.pdbx_description
1 polymer 'OXIDOREDUCTASE, PUTATIVE'
2 non-polymer 'COPPER (II) ION'
3 non-polymer 'OXYGEN MOLECULE'
4 non-polymer 1,2-ETHANEDIOL
5 water water
#
_entity_poly.entity_id   1
_entity_poly.type   'polypeptide(L)'
_entity_poly.pdbx_seq_one_letter_code
;KNHSINHDLDTSFINFAPKNLKLLDPKQFPQGEILKALPLLKNESKEKNIFHATLEIKENHIELIKGKKTLFYTYNGLVP
APKIEVFEGDKLEILVKNKLKEATTIHWHGVPVPPDQDGSPHDPILAGEERIYRFEIPQDSAGTYWYHPHPHYTASKQVF
MGLAGAFVIKAKKDALSHLKEKDLMISDLRLDENAQIPNNNLNDWLNGREGEFVLINGQFKPKIKLATNERIRIYNATAA
RYLNLRIQGAKFILVGTDGGLIEKTIYKEELFLSPASRVEVLIDAPKDGNFKLESAYYDRDKMMVKEEPNTLFLANINLK
KENVELPKNLKIFKPSEEPKEFKEIIMSEDHMQMHGMMGKSEGELKIALASMFLINRKSYDLKRIDLSSKLGVVEDWIVI
NKSHMDHPFHIHGTQFELISSKLNGKVQKAEFRALRDTINVRPNEELRLRMKQDFKGLRMYHCHILEHEDLGMMGNLEVK
E
;
_entity_poly.pdbx_strand_id   A
#
# COMPACT_ATOMS: atom_id res chain seq x y z
N THR A 11 8.69 11.69 20.85
CA THR A 11 8.36 12.38 19.58
C THR A 11 9.63 12.77 18.80
N SER A 12 10.74 12.12 19.13
CA SER A 12 12.00 12.35 18.44
C SER A 12 11.94 11.89 16.97
N PHE A 13 10.98 11.04 16.63
CA PHE A 13 10.79 10.61 15.25
C PHE A 13 10.18 11.70 14.34
N ILE A 14 9.67 12.78 14.96
CA ILE A 14 9.11 13.92 14.22
C ILE A 14 10.22 14.94 13.98
N ASN A 15 10.58 15.05 12.72
CA ASN A 15 11.49 16.05 12.20
C ASN A 15 10.79 16.82 11.08
N PHE A 16 10.95 18.13 11.15
CA PHE A 16 10.48 18.99 10.12
C PHE A 16 11.62 19.39 9.19
N ALA A 17 11.35 19.30 7.90
CA ALA A 17 12.21 19.87 6.86
C ALA A 17 12.52 21.37 7.10
N PRO A 18 13.64 21.87 6.55
CA PRO A 18 13.91 23.31 6.66
C PRO A 18 12.72 24.11 6.13
N LYS A 19 12.49 25.28 6.72
CA LYS A 19 11.40 26.15 6.29
C LYS A 19 11.65 26.66 4.87
N ASN A 20 10.59 26.76 4.07
CA ASN A 20 10.72 27.21 2.67
C ASN A 20 11.76 26.41 1.90
N LEU A 21 11.81 25.12 2.19
CA LEU A 21 12.72 24.23 1.46
C LEU A 21 12.38 24.27 -0.02
N LYS A 22 13.37 24.52 -0.88
CA LYS A 22 13.14 24.48 -2.33
C LYS A 22 13.28 23.06 -2.89
N LEU A 23 12.41 22.70 -3.82
CA LEU A 23 12.42 21.36 -4.36
C LEU A 23 13.00 21.33 -5.79
N LEU A 24 13.33 20.13 -6.25
CA LEU A 24 14.02 19.95 -7.51
C LEU A 24 13.11 20.37 -8.65
N ASP A 25 13.68 20.98 -9.69
CA ASP A 25 12.93 21.28 -10.91
C ASP A 25 12.67 19.95 -11.61
N PRO A 26 11.39 19.61 -11.88
CA PRO A 26 11.11 18.35 -12.57
C PRO A 26 11.82 18.15 -13.94
N LYS A 27 12.30 19.20 -14.57
CA LYS A 27 13.03 19.05 -15.83
C LYS A 27 14.34 18.29 -15.63
N GLN A 28 14.88 18.32 -14.41
CA GLN A 28 16.15 17.64 -14.10
C GLN A 28 15.99 16.14 -13.84
N PHE A 29 14.75 15.66 -13.74
CA PHE A 29 14.50 14.25 -13.44
C PHE A 29 14.37 13.43 -14.75
N PRO A 30 15.23 12.42 -14.93
CA PRO A 30 15.18 11.52 -16.09
C PRO A 30 13.75 11.05 -16.34
N GLN A 31 13.33 11.10 -17.61
CA GLN A 31 11.90 10.83 -17.93
C GLN A 31 11.75 10.39 -19.38
N GLY A 32 10.56 9.90 -19.74
CA GLY A 32 10.32 9.50 -21.12
C GLY A 32 11.01 8.22 -21.55
N GLU A 33 11.50 7.44 -20.60
CA GLU A 33 12.15 6.16 -20.93
C GLU A 33 11.13 5.03 -21.02
N ILE A 34 11.48 3.99 -21.79
CA ILE A 34 10.65 2.80 -21.86
C ILE A 34 10.53 2.16 -20.46
N LEU A 35 9.29 1.84 -20.05
CA LEU A 35 9.10 1.22 -18.74
C LEU A 35 9.73 -0.17 -18.69
N LYS A 36 10.61 -0.40 -17.70
CA LYS A 36 11.20 -1.74 -17.52
C LYS A 36 10.40 -2.59 -16.54
N ALA A 37 10.46 -3.91 -16.70
CA ALA A 37 9.92 -4.87 -15.74
C ALA A 37 10.72 -4.72 -14.42
N LEU A 38 10.07 -4.97 -13.29
CA LEU A 38 10.76 -5.03 -11.98
C LEU A 38 11.81 -6.17 -11.99
N PRO A 39 12.95 -5.95 -11.32
CA PRO A 39 13.90 -7.07 -11.22
C PRO A 39 13.29 -8.07 -10.22
N LEU A 40 13.51 -9.37 -10.41
CA LEU A 40 12.99 -10.41 -9.52
C LEU A 40 14.02 -10.73 -8.43
N LEU A 41 13.57 -10.97 -7.21
CA LEU A 41 14.42 -11.48 -6.14
C LEU A 41 14.74 -12.93 -6.50
N LYS A 42 16.03 -13.24 -6.67
CA LYS A 42 16.41 -14.58 -7.12
C LYS A 42 16.12 -15.66 -6.07
N ASN A 43 15.59 -16.78 -6.53
CA ASN A 43 15.40 -17.95 -5.68
C ASN A 43 16.73 -18.64 -5.57
N GLU A 44 17.25 -18.73 -4.35
CA GLU A 44 18.51 -19.44 -4.06
C GLU A 44 18.33 -20.95 -4.02
N SER A 45 17.09 -21.42 -3.95
CA SER A 45 16.86 -22.84 -3.86
C SER A 45 16.51 -23.42 -5.22
N LYS A 46 16.97 -24.65 -5.46
CA LYS A 46 16.63 -25.38 -6.66
C LYS A 46 15.57 -26.49 -6.41
N GLU A 47 15.06 -26.60 -5.19
CA GLU A 47 14.09 -27.66 -4.86
C GLU A 47 12.68 -27.22 -5.27
N LYS A 48 11.87 -28.18 -5.70
CA LYS A 48 10.51 -27.84 -6.11
C LYS A 48 9.71 -27.22 -4.98
N ASN A 49 9.01 -26.14 -5.33
CA ASN A 49 8.11 -25.46 -4.42
C ASN A 49 8.78 -24.88 -3.18
N ILE A 50 10.07 -24.62 -3.30
CA ILE A 50 10.84 -24.00 -2.22
C ILE A 50 11.36 -22.67 -2.73
N PHE A 51 11.06 -21.60 -2.01
CA PHE A 51 11.65 -20.30 -2.32
C PHE A 51 12.53 -19.81 -1.16
N HIS A 52 13.82 -19.63 -1.43
CA HIS A 52 14.79 -19.17 -0.44
C HIS A 52 15.49 -17.95 -1.01
N ALA A 53 15.69 -16.93 -0.19
CA ALA A 53 16.33 -15.70 -0.65
C ALA A 53 16.85 -14.84 0.48
N THR A 54 17.58 -13.78 0.13
CA THR A 54 18.12 -12.84 1.08
C THR A 54 17.74 -11.42 0.69
N LEU A 55 17.22 -10.64 1.65
CA LEU A 55 17.00 -9.20 1.46
C LEU A 55 17.91 -8.42 2.41
N GLU A 56 18.80 -7.60 1.87
CA GLU A 56 19.59 -6.70 2.69
C GLU A 56 18.99 -5.29 2.63
N ILE A 57 18.80 -4.68 3.77
CA ILE A 57 18.20 -3.37 3.83
C ILE A 57 19.33 -2.41 4.13
N LYS A 58 19.63 -1.53 3.17
CA LYS A 58 20.83 -0.73 3.27
C LYS A 58 20.71 0.63 2.60
N GLU A 59 21.54 1.57 3.04
CA GLU A 59 21.71 2.84 2.35
C GLU A 59 22.50 2.70 1.05
N ASN A 60 22.15 3.47 0.06
CA ASN A 60 22.88 3.49 -1.18
C ASN A 60 22.80 4.85 -1.80
N HIS A 61 23.77 5.23 -2.60
CA HIS A 61 23.83 6.52 -3.23
C HIS A 61 23.65 6.35 -4.69
N ILE A 62 22.62 6.94 -5.22
CA ILE A 62 22.28 6.72 -6.62
C ILE A 62 22.42 8.01 -7.42
N GLU A 63 23.13 7.90 -8.54
CA GLU A 63 23.22 9.00 -9.49
C GLU A 63 21.93 9.02 -10.30
N LEU A 64 20.99 9.77 -9.79
CA LEU A 64 19.69 9.87 -10.43
C LEU A 64 19.62 11.17 -11.19
N ILE A 65 20.02 12.25 -10.52
CA ILE A 65 20.05 13.57 -11.07
C ILE A 65 21.53 13.87 -11.41
N LYS A 66 21.80 14.35 -12.62
CA LYS A 66 23.19 14.60 -13.03
C LYS A 66 23.95 15.53 -12.10
N GLY A 67 25.15 15.09 -11.73
CA GLY A 67 26.03 15.87 -10.88
C GLY A 67 25.95 15.38 -9.44
N LYS A 68 24.80 14.77 -9.09
CA LYS A 68 24.48 14.55 -7.70
C LYS A 68 24.26 13.07 -7.39
N LYS A 69 24.72 12.65 -6.22
CA LYS A 69 24.39 11.34 -5.68
C LYS A 69 23.23 11.51 -4.69
N THR A 70 22.18 10.73 -4.90
CA THR A 70 21.00 10.77 -4.02
C THR A 70 21.05 9.59 -3.04
N LEU A 71 20.97 9.89 -1.74
CA LEU A 71 20.87 8.84 -0.75
C LEU A 71 19.46 8.22 -0.68
N PHE A 72 19.37 6.90 -0.87
CA PHE A 72 18.14 6.13 -0.71
C PHE A 72 18.32 5.10 0.37
N TYR A 73 17.23 4.66 1.02
CA TYR A 73 17.23 3.32 1.66
C TYR A 73 16.77 2.31 0.64
N THR A 74 17.44 1.16 0.53
CA THR A 74 17.08 0.18 -0.49
C THR A 74 16.99 -1.25 0.02
N TYR A 75 16.24 -2.09 -0.71
CA TYR A 75 16.30 -3.53 -0.54
C TYR A 75 17.31 -4.02 -1.59
N ASN A 76 18.35 -4.72 -1.13
CA ASN A 76 19.40 -5.34 -2.03
C ASN A 76 20.12 -4.34 -2.93
N GLY A 77 20.12 -3.07 -2.51
CA GLY A 77 20.73 -1.98 -3.30
C GLY A 77 20.01 -1.57 -4.58
N LEU A 78 18.75 -1.99 -4.72
CA LEU A 78 18.02 -1.77 -5.96
C LEU A 78 16.83 -0.81 -5.77
N VAL A 79 16.69 0.12 -6.72
CA VAL A 79 15.52 1.02 -6.85
C VAL A 79 15.12 0.99 -8.33
N PRO A 80 13.97 0.36 -8.66
CA PRO A 80 12.98 -0.20 -7.72
C PRO A 80 13.47 -1.51 -7.08
N ALA A 81 12.86 -1.85 -5.95
CA ALA A 81 13.15 -3.07 -5.19
C ALA A 81 12.87 -4.35 -5.99
N PRO A 82 13.51 -5.47 -5.61
CA PRO A 82 13.25 -6.78 -6.25
C PRO A 82 11.88 -7.29 -5.89
N LYS A 83 11.20 -7.82 -6.89
CA LYS A 83 9.88 -8.35 -6.73
C LYS A 83 9.95 -9.80 -6.27
N ILE A 84 9.14 -10.14 -5.29
CA ILE A 84 9.04 -11.55 -4.85
C ILE A 84 7.88 -12.19 -5.59
N GLU A 85 8.12 -13.32 -6.24
CA GLU A 85 7.03 -14.00 -6.94
C GLU A 85 7.05 -15.50 -6.59
N VAL A 86 5.98 -15.98 -5.98
CA VAL A 86 5.90 -17.36 -5.51
C VAL A 86 4.54 -17.94 -5.89
N PHE A 87 4.37 -19.24 -5.65
CA PHE A 87 3.13 -19.95 -5.95
C PHE A 87 2.45 -20.43 -4.72
N GLU A 88 1.13 -20.53 -4.77
CA GLU A 88 0.37 -21.25 -3.73
C GLU A 88 0.99 -22.63 -3.45
N GLY A 89 1.24 -22.96 -2.18
CA GLY A 89 1.80 -24.23 -1.81
C GLY A 89 3.32 -24.17 -1.66
N ASP A 90 3.94 -23.07 -2.07
CA ASP A 90 5.40 -22.90 -1.90
C ASP A 90 5.72 -22.77 -0.42
N LYS A 91 6.97 -23.06 -0.07
CA LYS A 91 7.45 -22.82 1.28
C LYS A 91 8.57 -21.79 1.18
N LEU A 92 8.44 -20.70 1.94
CA LEU A 92 9.37 -19.57 1.82
C LEU A 92 10.26 -19.44 3.00
N GLU A 93 11.49 -19.02 2.74
CA GLU A 93 12.41 -18.69 3.79
C GLU A 93 13.26 -17.54 3.31
N ILE A 94 13.17 -16.40 3.98
CA ILE A 94 13.90 -15.24 3.52
C ILE A 94 14.73 -14.71 4.66
N LEU A 95 16.03 -14.62 4.44
CA LEU A 95 16.93 -14.05 5.44
C LEU A 95 16.94 -12.56 5.23
N VAL A 96 16.71 -11.79 6.29
CA VAL A 96 16.65 -10.35 6.18
C VAL A 96 17.73 -9.74 7.07
N LYS A 97 18.63 -8.98 6.45
CA LYS A 97 19.75 -8.33 7.17
C LYS A 97 19.51 -6.84 7.19
N ASN A 98 19.50 -6.27 8.39
CA ASN A 98 19.27 -4.85 8.54
C ASN A 98 20.60 -4.13 8.63
N LYS A 99 20.97 -3.44 7.56
CA LYS A 99 22.24 -2.74 7.52
C LYS A 99 22.08 -1.23 7.64
N LEU A 100 20.89 -0.82 8.09
CA LEU A 100 20.59 0.57 8.46
C LEU A 100 21.12 0.84 9.86
N LYS A 101 21.16 2.12 10.21
CA LYS A 101 21.58 2.58 11.53
C LYS A 101 20.37 2.82 12.42
N GLU A 102 19.25 2.17 12.09
CA GLU A 102 18.04 2.19 12.91
C GLU A 102 17.29 0.86 12.72
N ALA A 103 16.39 0.54 13.64
CA ALA A 103 15.61 -0.70 13.59
C ALA A 103 14.62 -0.67 12.43
N THR A 104 14.26 -1.87 11.92
CA THR A 104 13.33 -1.97 10.80
C THR A 104 12.60 -3.29 10.90
N THR A 105 11.58 -3.48 10.05
CA THR A 105 10.92 -4.76 9.94
C THR A 105 10.50 -4.86 8.48
N ILE A 106 10.14 -6.08 8.06
CA ILE A 106 9.46 -6.25 6.78
C ILE A 106 8.08 -6.82 7.04
N HIS A 107 7.08 -6.08 6.57
CA HIS A 107 5.73 -6.57 6.63
C HIS A 107 5.33 -7.05 5.23
N TRP A 108 4.83 -8.27 5.13
CA TRP A 108 4.35 -8.88 3.89
C TRP A 108 2.88 -8.46 3.78
N HIS A 109 2.67 -7.27 3.20
CA HIS A 109 1.40 -6.57 3.33
C HIS A 109 0.27 -7.35 2.67
N GLY A 110 -0.69 -7.79 3.47
CA GLY A 110 -1.81 -8.56 2.98
C GLY A 110 -1.62 -10.07 2.89
N VAL A 111 -0.39 -10.54 3.07
CA VAL A 111 -0.09 -11.95 2.84
C VAL A 111 -0.48 -12.73 4.13
N PRO A 112 -1.24 -13.83 3.99
CA PRO A 112 -1.65 -14.53 5.19
C PRO A 112 -0.48 -15.34 5.80
N VAL A 113 0.21 -14.75 6.78
CA VAL A 113 1.31 -15.40 7.47
C VAL A 113 1.10 -15.25 8.98
N PRO A 114 1.71 -16.14 9.80
CA PRO A 114 1.59 -16.04 11.25
C PRO A 114 2.21 -14.76 11.74
N PRO A 115 1.70 -14.22 12.84
CA PRO A 115 2.14 -12.92 13.32
C PRO A 115 3.63 -12.83 13.57
N ASP A 116 4.27 -13.93 13.99
CA ASP A 116 5.70 -13.91 14.35
C ASP A 116 6.59 -13.88 13.10
N GLN A 117 5.96 -14.08 11.94
CA GLN A 117 6.66 -14.01 10.66
C GLN A 117 6.29 -12.75 9.89
N ASP A 118 5.66 -11.82 10.54
CA ASP A 118 5.10 -10.72 9.82
C ASP A 118 5.56 -9.29 10.11
N GLY A 119 6.63 -9.10 10.80
CA GLY A 119 7.31 -7.80 10.85
C GLY A 119 6.48 -6.65 11.39
N SER A 120 5.88 -6.85 12.55
CA SER A 120 5.20 -5.77 13.25
C SER A 120 6.19 -5.13 14.26
N PRO A 121 5.90 -3.89 14.72
CA PRO A 121 6.78 -3.16 15.65
C PRO A 121 7.03 -3.89 16.97
N HIS A 122 6.36 -5.02 17.21
CA HIS A 122 6.70 -5.85 18.36
C HIS A 122 7.98 -6.61 18.12
N ASP A 123 8.24 -6.97 16.86
CA ASP A 123 9.37 -7.84 16.55
C ASP A 123 10.38 -7.11 15.66
N PRO A 124 11.04 -6.07 16.21
CA PRO A 124 11.87 -5.31 15.31
C PRO A 124 13.18 -6.04 15.01
N ILE A 125 13.78 -5.68 13.88
CA ILE A 125 15.17 -6.06 13.61
C ILE A 125 16.07 -4.86 13.88
N LEU A 126 16.87 -4.96 14.94
CA LEU A 126 17.80 -3.89 15.31
C LEU A 126 18.90 -3.62 14.27
N ALA A 127 19.46 -2.42 14.29
CA ALA A 127 20.55 -2.04 13.39
C ALA A 127 21.73 -2.98 13.53
N GLY A 128 22.16 -3.53 12.39
CA GLY A 128 23.26 -4.49 12.34
C GLY A 128 22.86 -5.94 12.53
N GLU A 129 21.58 -6.23 12.74
CA GLU A 129 21.16 -7.60 13.02
C GLU A 129 20.36 -8.20 11.86
N GLU A 130 19.93 -9.44 12.03
CA GLU A 130 19.26 -10.17 10.98
C GLU A 130 18.18 -11.07 11.55
N ARG A 131 17.24 -11.44 10.69
CA ARG A 131 16.13 -12.28 11.07
C ARG A 131 15.78 -13.15 9.88
N ILE A 132 15.37 -14.39 10.12
CA ILE A 132 14.82 -15.24 9.05
C ILE A 132 13.29 -15.27 9.12
N TYR A 133 12.61 -14.93 8.02
CA TYR A 133 11.16 -15.13 7.97
C TYR A 133 10.88 -16.41 7.19
N ARG A 134 9.96 -17.21 7.70
CA ARG A 134 9.66 -18.54 7.15
C ARG A 134 8.17 -18.69 7.17
N PHE A 135 7.56 -18.98 6.03
CA PHE A 135 6.14 -19.32 6.05
C PHE A 135 5.74 -20.06 4.79
N GLU A 136 4.60 -20.73 4.87
CA GLU A 136 4.05 -21.44 3.74
C GLU A 136 3.12 -20.51 3.01
N ILE A 137 3.00 -20.71 1.70
CA ILE A 137 2.04 -19.95 0.90
C ILE A 137 0.75 -20.78 0.81
N PRO A 138 -0.33 -20.33 1.47
CA PRO A 138 -1.52 -21.17 1.56
C PRO A 138 -2.22 -21.33 0.21
N GLN A 139 -3.00 -22.40 0.07
CA GLN A 139 -3.95 -22.53 -1.05
C GLN A 139 -4.87 -21.33 -1.06
N ASP A 140 -5.42 -21.02 -2.22
CA ASP A 140 -6.30 -19.89 -2.40
C ASP A 140 -5.73 -18.49 -2.06
N SER A 141 -4.42 -18.36 -1.76
CA SER A 141 -3.86 -17.02 -1.46
C SER A 141 -3.37 -16.19 -2.65
N ALA A 142 -3.55 -16.68 -3.88
CA ALA A 142 -3.12 -15.92 -5.06
C ALA A 142 -3.66 -14.51 -4.97
N GLY A 143 -2.81 -13.55 -5.27
CA GLY A 143 -3.16 -12.14 -5.21
C GLY A 143 -1.95 -11.26 -5.45
N THR A 144 -2.11 -9.97 -5.15
CA THR A 144 -1.15 -8.98 -5.52
C THR A 144 -0.88 -8.24 -4.21
N TYR A 145 0.36 -8.34 -3.73
CA TYR A 145 0.73 -7.84 -2.41
C TYR A 145 1.94 -6.97 -2.55
N TRP A 146 2.49 -6.51 -1.43
CA TRP A 146 3.72 -5.75 -1.47
C TRP A 146 4.41 -5.89 -0.11
N TYR A 147 5.69 -5.54 -0.05
CA TYR A 147 6.40 -5.60 1.22
C TYR A 147 7.03 -4.24 1.49
N HIS A 148 7.12 -3.88 2.78
CA HIS A 148 7.57 -2.54 3.20
C HIS A 148 7.81 -2.54 4.71
N PRO A 149 8.48 -1.49 5.23
CA PRO A 149 8.77 -1.52 6.64
C PRO A 149 7.52 -1.30 7.51
N HIS A 150 7.52 -1.86 8.71
CA HIS A 150 6.53 -1.50 9.72
C HIS A 150 7.16 -1.35 11.10
N PRO A 151 8.27 -0.59 11.23
CA PRO A 151 8.79 -0.42 12.58
C PRO A 151 7.94 0.60 13.35
N HIS A 152 8.07 0.59 14.66
CA HIS A 152 7.49 1.63 15.49
C HIS A 152 8.02 3.01 15.07
N TYR A 153 7.10 3.95 14.82
CA TYR A 153 7.43 5.39 14.64
C TYR A 153 8.07 5.82 13.33
N THR A 154 8.85 4.93 12.70
CA THR A 154 9.65 5.33 11.57
C THR A 154 9.24 4.65 10.25
N ALA A 155 8.04 4.09 10.20
CA ALA A 155 7.58 3.48 8.94
C ALA A 155 7.50 4.50 7.81
N SER A 156 6.97 5.69 8.09
CA SER A 156 6.80 6.67 7.03
C SER A 156 8.13 7.16 6.43
N LYS A 157 9.15 7.35 7.26
CA LYS A 157 10.46 7.77 6.74
C LYS A 157 11.14 6.67 5.94
N GLN A 158 11.05 5.43 6.40
CA GLN A 158 11.72 4.33 5.74
C GLN A 158 11.10 4.07 4.37
N VAL A 159 9.77 4.24 4.28
CA VAL A 159 9.12 4.20 2.95
C VAL A 159 9.50 5.38 2.07
N PHE A 160 9.47 6.58 2.65
CA PHE A 160 9.72 7.73 1.80
C PHE A 160 11.19 7.74 1.31
N MET A 161 12.06 7.03 2.03
CA MET A 161 13.47 6.85 1.62
C MET A 161 13.66 5.82 0.53
N GLY A 162 12.64 5.01 0.23
CA GLY A 162 12.77 4.07 -0.88
C GLY A 162 12.33 2.64 -0.64
N LEU A 163 11.94 2.29 0.59
CA LEU A 163 11.69 0.89 0.89
C LEU A 163 10.24 0.43 0.63
N ALA A 164 10.00 -0.15 -0.54
CA ALA A 164 8.72 -0.76 -0.87
C ALA A 164 9.02 -1.70 -2.02
N GLY A 165 8.54 -2.94 -1.96
CA GLY A 165 8.70 -3.85 -3.11
C GLY A 165 7.43 -4.65 -3.40
N ALA A 166 7.35 -5.18 -4.61
CA ALA A 166 6.24 -6.02 -5.04
C ALA A 166 6.34 -7.46 -4.50
N PHE A 167 5.17 -8.08 -4.25
CA PHE A 167 5.11 -9.45 -3.79
C PHE A 167 3.87 -10.05 -4.44
N VAL A 168 4.04 -11.03 -5.30
CA VAL A 168 2.93 -11.68 -6.00
C VAL A 168 2.81 -13.15 -5.63
N ILE A 169 1.59 -13.59 -5.31
CA ILE A 169 1.31 -15.01 -5.17
C ILE A 169 0.50 -15.42 -6.40
N LYS A 170 0.99 -16.43 -7.11
CA LYS A 170 0.28 -17.00 -8.24
C LYS A 170 -0.32 -18.35 -7.91
N ALA A 171 -1.48 -18.63 -8.48
CA ALA A 171 -2.02 -19.96 -8.54
C ALA A 171 -1.23 -20.77 -9.55
N LYS A 172 -1.16 -22.09 -9.37
CA LYS A 172 -0.57 -22.98 -10.40
C LYS A 172 -1.34 -22.85 -11.73
N LYS A 173 -2.65 -22.63 -11.61
CA LYS A 173 -3.52 -22.42 -12.76
C LYS A 173 -4.75 -21.67 -12.30
N ASP A 174 -5.11 -20.64 -13.04
CA ASP A 174 -6.35 -19.96 -12.79
C ASP A 174 -6.86 -19.43 -14.13
N ALA A 175 -8.00 -18.75 -14.10
CA ALA A 175 -8.64 -18.35 -15.35
C ALA A 175 -7.74 -17.46 -16.22
N LEU A 176 -6.77 -16.76 -15.63
CA LEU A 176 -5.94 -15.83 -16.38
C LEU A 176 -4.46 -16.20 -16.42
N SER A 177 -4.11 -17.40 -15.97
CA SER A 177 -2.70 -17.73 -15.72
C SER A 177 -1.91 -17.96 -17.00
N HIS A 178 -2.61 -18.06 -18.12
CA HIS A 178 -1.91 -18.18 -19.41
C HIS A 178 -1.54 -16.81 -20.01
N LEU A 179 -2.00 -15.73 -19.39
CA LEU A 179 -1.75 -14.41 -19.92
C LEU A 179 -0.38 -13.89 -19.51
N LYS A 180 0.23 -13.10 -20.38
CA LYS A 180 1.45 -12.40 -20.01
C LYS A 180 1.07 -11.35 -18.96
N GLU A 181 1.91 -11.21 -17.97
CA GLU A 181 1.72 -10.22 -16.89
C GLU A 181 2.59 -8.99 -17.04
N LYS A 182 2.11 -7.89 -16.46
CA LYS A 182 2.86 -6.65 -16.37
C LYS A 182 2.62 -6.08 -14.97
N ASP A 183 3.64 -5.44 -14.42
CA ASP A 183 3.52 -4.73 -13.15
C ASP A 183 3.62 -3.25 -13.37
N LEU A 184 2.68 -2.50 -12.77
CA LEU A 184 2.75 -1.04 -12.73
C LEU A 184 2.80 -0.73 -11.22
N MET A 185 4.01 -0.73 -10.67
CA MET A 185 4.14 -0.43 -9.26
C MET A 185 4.32 1.08 -9.09
N ILE A 186 3.34 1.71 -8.45
CA ILE A 186 3.32 3.20 -8.36
C ILE A 186 3.81 3.62 -7.00
N SER A 187 4.86 4.45 -6.98
CA SER A 187 5.47 4.99 -5.73
C SER A 187 5.55 6.50 -5.95
N ASP A 188 5.97 7.25 -4.91
CA ASP A 188 6.27 8.66 -5.14
C ASP A 188 7.52 9.07 -4.35
N LEU A 189 8.11 10.17 -4.75
CA LEU A 189 9.48 10.53 -4.31
C LEU A 189 9.54 12.03 -4.29
N ARG A 190 10.07 12.59 -3.20
CA ARG A 190 10.32 14.03 -3.13
C ARG A 190 11.83 14.26 -3.20
N LEU A 191 12.28 15.16 -4.07
CA LEU A 191 13.69 15.58 -4.09
C LEU A 191 13.81 17.09 -3.88
N ASP A 192 14.78 17.47 -3.04
CA ASP A 192 15.02 18.88 -2.81
C ASP A 192 15.89 19.40 -3.92
N GLU A 193 16.26 20.68 -3.84
CA GLU A 193 17.02 21.33 -4.89
C GLU A 193 18.40 20.70 -5.12
N ASN A 194 18.89 19.93 -4.14
CA ASN A 194 20.19 19.27 -4.25
C ASN A 194 20.04 17.76 -4.36
N ALA A 195 18.86 17.36 -4.81
CA ALA A 195 18.55 15.97 -5.23
C ALA A 195 18.54 14.98 -4.06
N GLN A 196 18.29 15.49 -2.87
CA GLN A 196 18.23 14.66 -1.66
C GLN A 196 16.78 14.48 -1.23
N ILE A 197 16.50 13.41 -0.51
CA ILE A 197 15.13 13.17 -0.05
C ILE A 197 14.97 13.85 1.32
N PRO A 198 14.14 14.90 1.39
CA PRO A 198 14.08 15.64 2.63
C PRO A 198 13.07 15.05 3.64
N ASN A 199 13.15 15.52 4.87
CA ASN A 199 12.20 15.18 5.91
C ASN A 199 10.81 15.70 5.61
N ASN A 200 9.80 15.13 6.28
CA ASN A 200 8.44 15.65 6.24
C ASN A 200 8.37 17.08 6.74
N ASN A 201 7.48 17.88 6.14
CA ASN A 201 7.05 19.15 6.73
C ASN A 201 5.77 18.94 7.55
N LEU A 202 5.26 20.01 8.17
CA LEU A 202 4.06 19.87 8.98
C LEU A 202 2.88 19.36 8.17
N ASN A 203 2.74 19.80 6.93
CA ASN A 203 1.60 19.38 6.12
C ASN A 203 1.63 17.90 5.81
N ASP A 204 2.84 17.36 5.61
CA ASP A 204 3.02 15.90 5.36
C ASP A 204 2.58 15.09 6.56
N TRP A 205 2.92 15.58 7.76
CA TRP A 205 2.52 14.89 8.97
C TRP A 205 1.00 14.95 9.16
N LEU A 206 0.39 16.11 8.87
CA LEU A 206 -1.06 16.27 8.97
C LEU A 206 -1.84 15.41 7.92
N ASN A 207 -1.31 15.39 6.70
CA ASN A 207 -2.03 14.85 5.56
C ASN A 207 -1.54 13.51 5.04
N GLY A 208 -0.35 13.08 5.47
CA GLY A 208 0.36 12.00 4.79
C GLY A 208 1.19 12.69 3.72
N ARG A 209 2.42 12.21 3.55
CA ARG A 209 3.38 12.75 2.62
C ARG A 209 3.11 12.28 1.19
N GLU A 210 2.96 13.23 0.28
CA GLU A 210 2.94 12.90 -1.13
C GLU A 210 4.14 13.50 -1.85
N GLY A 211 5.08 12.62 -2.22
CA GLY A 211 6.27 12.96 -3.03
C GLY A 211 5.84 13.48 -4.38
N GLU A 212 6.41 14.61 -4.78
CA GLU A 212 5.99 15.26 -6.01
C GLU A 212 6.22 14.41 -7.26
N PHE A 213 7.26 13.57 -7.25
CA PHE A 213 7.51 12.77 -8.45
C PHE A 213 6.79 11.44 -8.27
N VAL A 214 5.80 11.19 -9.12
CA VAL A 214 5.06 9.94 -8.99
C VAL A 214 5.67 8.98 -10.01
N LEU A 215 6.06 7.80 -9.56
CA LEU A 215 6.90 6.93 -10.38
C LEU A 215 6.20 5.60 -10.63
N ILE A 216 6.50 4.98 -11.76
CA ILE A 216 5.99 3.65 -12.05
C ILE A 216 7.21 2.76 -12.17
N ASN A 217 7.35 1.77 -11.31
CA ASN A 217 8.58 0.92 -11.27
C ASN A 217 9.85 1.77 -11.12
N GLY A 218 9.76 2.83 -10.31
CA GLY A 218 10.91 3.79 -10.15
C GLY A 218 11.16 4.82 -11.26
N GLN A 219 10.32 4.85 -12.28
CA GLN A 219 10.60 5.69 -13.45
C GLN A 219 9.58 6.81 -13.57
N PHE A 220 10.07 7.98 -13.96
CA PHE A 220 9.24 9.20 -14.03
C PHE A 220 8.72 9.41 -15.45
N LYS A 221 7.40 9.62 -15.58
CA LYS A 221 6.76 9.80 -16.87
C LYS A 221 7.25 8.83 -17.97
N PRO A 222 7.17 7.52 -17.70
CA PRO A 222 7.73 6.58 -18.66
C PRO A 222 6.85 6.36 -19.91
N LYS A 223 7.43 5.67 -20.87
CA LYS A 223 6.69 5.15 -22.02
C LYS A 223 6.42 3.67 -21.82
N ILE A 224 5.15 3.31 -21.69
CA ILE A 224 4.77 1.93 -21.37
C ILE A 224 4.21 1.24 -22.62
N LYS A 225 4.70 0.03 -22.89
CA LYS A 225 4.17 -0.76 -23.99
C LYS A 225 3.25 -1.80 -23.41
N LEU A 226 1.97 -1.75 -23.74
CA LEU A 226 1.01 -2.68 -23.19
C LEU A 226 0.17 -3.27 -24.30
N ALA A 227 -0.53 -4.33 -23.98
CA ALA A 227 -1.45 -4.94 -24.91
C ALA A 227 -2.72 -5.26 -24.14
N THR A 228 -3.81 -5.45 -24.87
CA THR A 228 -5.12 -5.72 -24.26
C THR A 228 -5.36 -7.18 -23.87
N ASN A 229 -4.34 -8.03 -24.04
CA ASN A 229 -4.41 -9.42 -23.59
C ASN A 229 -3.40 -9.70 -22.46
N GLU A 230 -3.02 -8.63 -21.76
CA GLU A 230 -2.10 -8.73 -20.63
C GLU A 230 -2.78 -8.50 -19.30
N ARG A 231 -2.38 -9.33 -18.35
CA ARG A 231 -2.82 -9.31 -16.97
C ARG A 231 -1.94 -8.30 -16.20
N ILE A 232 -2.49 -7.13 -15.95
CA ILE A 232 -1.69 -6.00 -15.40
C ILE A 232 -1.96 -5.80 -13.91
N ARG A 233 -0.90 -5.88 -13.11
CA ARG A 233 -1.02 -5.68 -11.69
C ARG A 233 -0.66 -4.22 -11.41
N ILE A 234 -1.57 -3.51 -10.76
CA ILE A 234 -1.27 -2.13 -10.41
C ILE A 234 -1.17 -1.99 -8.88
N TYR A 235 -0.11 -1.33 -8.39
CA TYR A 235 0.13 -1.26 -6.96
C TYR A 235 0.12 0.21 -6.62
N ASN A 236 -0.77 0.61 -5.69
CA ASN A 236 -0.64 1.90 -5.06
C ASN A 236 0.37 1.71 -3.89
N ALA A 237 1.66 1.84 -4.14
CA ALA A 237 2.68 1.70 -3.07
C ALA A 237 3.20 3.05 -2.61
N THR A 238 2.28 3.98 -2.40
CA THR A 238 2.59 5.31 -1.87
C THR A 238 2.20 5.37 -0.39
N ALA A 239 2.75 6.36 0.33
CA ALA A 239 2.42 6.58 1.73
C ALA A 239 1.04 7.13 1.91
N ALA A 240 0.53 7.91 0.96
CA ALA A 240 -0.66 8.74 1.22
C ALA A 240 -1.43 9.24 -0.02
N ARG A 241 -1.00 8.81 -1.21
CA ARG A 241 -1.52 9.35 -2.43
C ARG A 241 -2.76 8.59 -2.90
N TYR A 242 -3.83 9.34 -3.16
CA TYR A 242 -5.03 8.71 -3.65
C TYR A 242 -5.02 8.78 -5.18
N LEU A 243 -5.25 7.67 -5.84
CA LEU A 243 -5.30 7.70 -7.30
C LEU A 243 -6.69 7.46 -7.79
N ASN A 244 -7.03 8.12 -8.89
CA ASN A 244 -8.27 7.82 -9.57
C ASN A 244 -7.85 7.68 -11.02
N LEU A 245 -7.45 6.47 -11.36
CA LEU A 245 -6.77 6.20 -12.62
C LEU A 245 -7.74 6.19 -13.78
N ARG A 246 -7.27 6.73 -14.89
CA ARG A 246 -8.01 6.66 -16.15
C ARG A 246 -7.12 6.71 -17.35
N ILE A 247 -7.60 6.10 -18.42
CA ILE A 247 -6.94 6.13 -19.70
C ILE A 247 -8.02 6.58 -20.71
N GLN A 248 -8.06 7.87 -21.02
CA GLN A 248 -9.13 8.42 -21.87
C GLN A 248 -9.14 7.66 -23.20
N GLY A 249 -10.33 7.22 -23.64
CA GLY A 249 -10.43 6.41 -24.86
C GLY A 249 -10.36 4.92 -24.60
N ALA A 250 -10.03 4.55 -23.37
CA ALA A 250 -9.99 3.16 -22.99
C ALA A 250 -10.75 2.94 -21.69
N LYS A 251 -10.88 1.67 -21.27
CA LYS A 251 -11.46 1.33 -20.00
C LYS A 251 -10.63 0.26 -19.32
N PHE A 252 -10.74 0.20 -18.00
CA PHE A 252 -10.16 -0.89 -17.23
C PHE A 252 -11.13 -2.04 -17.12
N ILE A 253 -10.65 -3.26 -17.34
CA ILE A 253 -11.44 -4.42 -17.01
C ILE A 253 -10.86 -4.95 -15.70
N LEU A 254 -11.59 -4.69 -14.62
CA LEU A 254 -11.12 -5.12 -13.30
C LEU A 254 -11.35 -6.64 -13.16
N VAL A 255 -10.30 -7.36 -12.80
CA VAL A 255 -10.39 -8.82 -12.69
C VAL A 255 -9.85 -9.27 -11.32
N GLY A 256 -9.27 -8.38 -10.53
CA GLY A 256 -8.73 -8.86 -9.25
C GLY A 256 -8.44 -7.70 -8.31
N THR A 257 -8.40 -8.00 -7.02
CA THR A 257 -8.12 -6.99 -5.96
C THR A 257 -6.98 -7.55 -5.12
N ASP A 258 -6.72 -6.98 -3.93
CA ASP A 258 -5.63 -7.44 -3.07
C ASP A 258 -5.56 -8.95 -3.00
N GLY A 259 -6.64 -9.59 -2.54
CA GLY A 259 -6.64 -11.04 -2.27
C GLY A 259 -7.10 -11.83 -3.49
N GLY A 260 -6.82 -11.33 -4.69
CA GLY A 260 -6.94 -12.15 -5.92
C GLY A 260 -8.13 -11.87 -6.80
N LEU A 261 -8.44 -12.82 -7.69
CA LEU A 261 -9.50 -12.61 -8.68
C LEU A 261 -10.87 -12.34 -8.05
N ILE A 262 -11.71 -11.59 -8.75
CA ILE A 262 -13.09 -11.40 -8.34
C ILE A 262 -13.95 -12.37 -9.16
N GLU A 263 -15.28 -12.38 -8.98
CA GLU A 263 -16.10 -13.39 -9.58
C GLU A 263 -16.23 -13.25 -11.07
N LYS A 264 -16.40 -12.00 -11.52
CA LYS A 264 -16.66 -11.68 -12.92
C LYS A 264 -15.99 -10.33 -13.28
N THR A 265 -15.67 -10.15 -14.54
CA THR A 265 -15.12 -8.88 -15.03
C THR A 265 -16.01 -7.68 -14.63
N ILE A 266 -15.38 -6.60 -14.16
CA ILE A 266 -16.11 -5.40 -13.82
C ILE A 266 -15.50 -4.32 -14.69
N TYR A 267 -16.32 -3.66 -15.51
CA TYR A 267 -15.75 -2.66 -16.39
C TYR A 267 -15.78 -1.28 -15.73
N LYS A 268 -14.66 -0.57 -15.77
CA LYS A 268 -14.51 0.72 -15.11
C LYS A 268 -13.79 1.74 -15.96
N GLU A 269 -14.39 2.92 -16.13
CA GLU A 269 -13.76 4.03 -16.83
C GLU A 269 -12.71 4.70 -15.91
N GLU A 270 -13.01 4.76 -14.63
CA GLU A 270 -12.03 5.26 -13.65
C GLU A 270 -11.79 4.24 -12.57
N LEU A 271 -10.56 4.16 -12.08
CA LEU A 271 -10.27 3.18 -11.06
C LEU A 271 -9.70 3.83 -9.81
N PHE A 272 -10.47 3.81 -8.75
CA PHE A 272 -10.08 4.50 -7.51
C PHE A 272 -9.14 3.54 -6.73
N LEU A 273 -7.95 4.00 -6.38
CA LEU A 273 -6.98 3.14 -5.75
C LEU A 273 -6.35 3.97 -4.65
N SER A 274 -6.82 3.75 -3.44
CA SER A 274 -6.29 4.51 -2.32
C SER A 274 -4.97 3.88 -1.82
N PRO A 275 -4.25 4.57 -0.91
CA PRO A 275 -2.89 4.19 -0.56
C PRO A 275 -2.83 2.74 -0.08
N ALA A 276 -1.86 1.99 -0.62
CA ALA A 276 -1.63 0.59 -0.26
C ALA A 276 -2.53 -0.44 -0.92
N SER A 277 -3.48 -0.03 -1.77
CA SER A 277 -4.35 -0.95 -2.54
C SER A 277 -3.74 -1.42 -3.85
N ARG A 278 -4.12 -2.64 -4.27
CA ARG A 278 -3.62 -3.25 -5.50
C ARG A 278 -4.79 -3.88 -6.26
N VAL A 279 -4.66 -3.90 -7.59
CA VAL A 279 -5.69 -4.56 -8.43
C VAL A 279 -5.00 -5.32 -9.56
N GLU A 280 -5.76 -6.24 -10.18
CA GLU A 280 -5.40 -6.79 -11.47
C GLU A 280 -6.43 -6.30 -12.46
N VAL A 281 -5.94 -5.90 -13.62
CA VAL A 281 -6.81 -5.37 -14.65
C VAL A 281 -6.36 -5.85 -16.01
N LEU A 282 -7.30 -5.87 -16.97
CA LEU A 282 -6.96 -5.75 -18.37
C LEU A 282 -7.41 -4.35 -18.87
N ILE A 283 -6.83 -3.95 -20.00
CA ILE A 283 -7.19 -2.67 -20.64
C ILE A 283 -8.01 -3.00 -21.86
N ASP A 284 -9.12 -2.32 -22.01
CA ASP A 284 -9.91 -2.46 -23.22
C ASP A 284 -9.93 -1.14 -24.01
N ALA A 285 -9.63 -1.25 -25.29
CA ALA A 285 -9.80 -0.17 -26.20
C ALA A 285 -10.20 -0.86 -27.50
N PRO A 286 -10.86 -0.13 -28.40
CA PRO A 286 -11.32 -0.70 -29.68
C PRO A 286 -10.20 -1.10 -30.67
N LYS A 287 -9.08 -0.37 -30.65
CA LYS A 287 -8.04 -0.50 -31.68
C LYS A 287 -6.68 -0.13 -31.11
N ASP A 288 -5.60 -0.41 -31.86
CA ASP A 288 -4.25 0.04 -31.49
C ASP A 288 -4.25 1.54 -31.21
N GLY A 289 -3.37 2.01 -30.32
CA GLY A 289 -3.31 3.47 -30.16
C GLY A 289 -2.32 3.93 -29.11
N ASN A 290 -2.18 5.24 -29.05
CA ASN A 290 -1.33 5.89 -28.06
C ASN A 290 -2.21 6.63 -27.10
N PHE A 291 -2.08 6.32 -25.81
CA PHE A 291 -2.97 6.75 -24.76
C PHE A 291 -2.13 7.35 -23.62
N LYS A 292 -2.82 7.93 -22.64
CA LYS A 292 -2.14 8.54 -21.49
C LYS A 292 -2.75 7.97 -20.25
N LEU A 293 -1.88 7.55 -19.34
CA LEU A 293 -2.33 7.12 -18.03
C LEU A 293 -2.33 8.36 -17.12
N GLU A 294 -3.50 8.66 -16.57
CA GLU A 294 -3.65 9.84 -15.74
C GLU A 294 -4.38 9.49 -14.43
N SER A 295 -4.31 10.40 -13.45
CA SER A 295 -5.06 10.25 -12.22
C SER A 295 -5.84 11.55 -11.96
N ALA A 296 -7.16 11.42 -11.88
CA ALA A 296 -8.05 12.56 -11.67
C ALA A 296 -7.88 12.97 -10.22
N TYR A 297 -7.98 14.27 -9.98
CA TYR A 297 -7.86 14.81 -8.64
C TYR A 297 -8.97 14.25 -7.75
N TYR A 298 -8.60 13.82 -6.54
CA TYR A 298 -9.59 13.33 -5.58
C TYR A 298 -9.45 14.22 -4.35
N ASP A 299 -10.54 14.93 -4.00
CA ASP A 299 -10.55 15.76 -2.82
C ASP A 299 -10.76 14.94 -1.54
N ARG A 300 -9.67 14.81 -0.77
CA ARG A 300 -9.71 14.03 0.46
C ARG A 300 -9.62 14.88 1.72
N ASP A 301 -9.89 16.16 1.55
CA ASP A 301 -10.03 17.13 2.63
C ASP A 301 -8.77 17.26 3.46
N LYS A 302 -7.65 17.45 2.76
CA LYS A 302 -6.35 17.73 3.33
C LYS A 302 -6.46 19.04 4.08
N MET A 303 -5.72 19.16 5.18
CA MET A 303 -5.76 20.41 5.93
C MET A 303 -4.58 21.33 5.63
N MET A 304 -4.77 22.63 5.90
CA MET A 304 -3.73 23.65 5.68
C MET A 304 -3.10 23.62 4.27
N VAL A 305 -3.91 23.25 3.29
CA VAL A 305 -3.52 23.12 1.89
C VAL A 305 -4.71 23.56 1.04
N LYS A 306 -4.48 24.53 0.18
CA LYS A 306 -5.40 24.79 -0.92
C LYS A 306 -4.65 24.37 -2.19
N GLU A 307 -5.25 23.43 -2.91
CA GLU A 307 -4.61 22.73 -4.01
C GLU A 307 -5.27 23.07 -5.32
N GLU A 308 -4.49 23.05 -6.39
CA GLU A 308 -5.07 23.00 -7.73
C GLU A 308 -5.66 21.59 -7.96
N PRO A 309 -6.98 21.52 -8.31
CA PRO A 309 -7.67 20.24 -8.61
C PRO A 309 -7.22 19.63 -9.95
N ASN A 310 -5.91 19.53 -10.12
CA ASN A 310 -5.35 19.17 -11.37
C ASN A 310 -5.32 17.68 -11.55
N THR A 311 -5.32 17.28 -12.82
CA THR A 311 -5.16 15.91 -13.22
C THR A 311 -3.67 15.64 -13.25
N LEU A 312 -3.31 14.50 -12.72
CA LEU A 312 -1.91 14.14 -12.73
C LEU A 312 -1.64 13.25 -13.93
N PHE A 313 -0.72 13.64 -14.79
CA PHE A 313 -0.28 12.77 -15.87
C PHE A 313 0.76 11.81 -15.30
N LEU A 314 0.63 10.51 -15.60
CA LEU A 314 1.55 9.50 -15.08
C LEU A 314 2.47 8.90 -16.12
N ALA A 315 1.95 8.62 -17.33
CA ALA A 315 2.72 7.89 -18.35
C ALA A 315 2.03 7.88 -19.69
N ASN A 316 2.83 7.71 -20.75
CA ASN A 316 2.33 7.38 -22.09
C ASN A 316 2.14 5.90 -22.21
N ILE A 317 1.05 5.46 -22.87
CA ILE A 317 0.83 4.05 -23.09
C ILE A 317 0.72 3.83 -24.60
N ASN A 318 1.60 3.02 -25.15
CA ASN A 318 1.33 2.52 -26.50
C ASN A 318 0.62 1.22 -26.34
N LEU A 319 -0.60 1.15 -26.84
CA LEU A 319 -1.47 -0.01 -26.60
C LEU A 319 -1.69 -0.81 -27.89
N LYS A 320 -1.37 -2.08 -27.82
CA LYS A 320 -1.61 -3.02 -28.93
C LYS A 320 -2.93 -3.71 -28.65
N LYS A 321 -3.85 -3.63 -29.59
CA LYS A 321 -5.12 -4.33 -29.49
C LYS A 321 -4.96 -5.81 -29.87
N GLU A 322 -5.27 -6.71 -28.92
CA GLU A 322 -5.29 -8.15 -29.17
C GLU A 322 -6.49 -8.71 -28.46
N ASN A 323 -7.39 -9.34 -29.17
CA ASN A 323 -8.53 -9.93 -28.47
C ASN A 323 -8.08 -11.09 -27.60
N VAL A 324 -8.86 -11.38 -26.59
CA VAL A 324 -8.50 -12.33 -25.57
C VAL A 324 -9.79 -12.98 -25.12
N GLU A 325 -9.76 -14.29 -24.94
CA GLU A 325 -10.92 -15.01 -24.45
C GLU A 325 -11.01 -14.86 -22.95
N LEU A 326 -12.13 -14.39 -22.46
CA LEU A 326 -12.32 -14.29 -21.01
C LEU A 326 -13.47 -15.19 -20.61
N PRO A 327 -13.31 -15.94 -19.50
CA PRO A 327 -14.36 -16.88 -19.19
C PRO A 327 -15.57 -16.15 -18.57
N LYS A 328 -16.71 -16.83 -18.53
CA LYS A 328 -17.92 -16.33 -17.88
C LYS A 328 -17.69 -15.99 -16.39
N ASN A 329 -17.02 -16.89 -15.68
CA ASN A 329 -16.61 -16.69 -14.30
C ASN A 329 -15.09 -16.72 -14.17
N LEU A 330 -14.49 -15.67 -13.62
CA LEU A 330 -13.06 -15.63 -13.30
C LEU A 330 -12.72 -16.60 -12.16
N LYS A 331 -13.48 -16.53 -11.08
CA LYS A 331 -13.22 -17.34 -9.91
C LYS A 331 -14.58 -17.61 -9.25
N ILE A 332 -14.79 -18.85 -8.83
CA ILE A 332 -15.98 -19.24 -8.07
C ILE A 332 -15.72 -18.94 -6.58
N PHE A 333 -16.50 -18.03 -6.00
CA PHE A 333 -16.32 -17.64 -4.60
C PHE A 333 -17.10 -18.60 -3.74
N LYS A 334 -16.55 -18.93 -2.58
CA LYS A 334 -17.30 -19.63 -1.54
C LYS A 334 -18.58 -18.86 -1.15
N PRO A 335 -19.64 -19.58 -0.79
CA PRO A 335 -20.82 -18.88 -0.27
C PRO A 335 -20.41 -18.05 0.94
N SER A 336 -20.98 -16.85 1.06
CA SER A 336 -20.66 -15.99 2.20
C SER A 336 -21.03 -16.69 3.51
N GLU A 337 -20.10 -16.67 4.46
CA GLU A 337 -20.32 -17.25 5.78
C GLU A 337 -20.98 -16.24 6.74
N GLU A 338 -21.80 -16.76 7.67
CA GLU A 338 -22.53 -15.94 8.63
C GLU A 338 -21.55 -15.43 9.71
N PRO A 339 -21.60 -14.13 10.06
CA PRO A 339 -20.67 -13.67 11.13
C PRO A 339 -21.18 -14.04 12.54
N LYS A 340 -20.25 -14.34 13.46
CA LYS A 340 -20.63 -14.79 14.81
C LYS A 340 -20.26 -13.77 15.90
N GLU A 341 -19.32 -12.89 15.62
CA GLU A 341 -19.06 -11.74 16.48
C GLU A 341 -18.82 -10.48 15.70
N PHE A 342 -18.84 -9.37 16.40
CA PHE A 342 -18.78 -8.08 15.74
C PHE A 342 -17.80 -7.15 16.43
N LYS A 343 -17.16 -6.31 15.63
CA LYS A 343 -16.24 -5.33 16.13
C LYS A 343 -16.68 -3.96 15.64
N GLU A 344 -16.28 -2.91 16.36
CA GLU A 344 -16.46 -1.55 15.91
C GLU A 344 -15.16 -0.77 16.01
N ILE A 345 -14.76 -0.18 14.89
CA ILE A 345 -13.57 0.66 14.79
C ILE A 345 -13.97 2.12 14.48
N ILE A 346 -13.75 3.06 15.42
CA ILE A 346 -14.06 4.48 15.11
C ILE A 346 -12.79 5.26 14.82
N MET A 347 -12.64 5.78 13.62
CA MET A 347 -11.47 6.56 13.35
C MET A 347 -11.83 8.04 13.56
N SER A 348 -10.99 8.77 14.27
CA SER A 348 -11.35 10.17 14.61
C SER A 348 -10.08 11.02 14.72
N GLU A 349 -10.26 12.33 14.82
CA GLU A 349 -9.15 13.25 15.06
C GLU A 349 -9.51 14.23 16.18
N ASP A 350 -8.49 14.69 16.90
CA ASP A 350 -8.68 15.68 17.94
C ASP A 350 -7.92 16.91 17.46
N HIS A 351 -8.63 17.94 17.03
CA HIS A 351 -8.02 19.25 16.78
C HIS A 351 -8.28 20.27 17.89
N MET A 352 -8.36 19.82 19.16
CA MET A 352 -8.29 20.73 20.33
C MET A 352 -7.08 21.62 20.09
N GLN A 353 -5.89 21.05 20.31
CA GLN A 353 -4.62 21.65 19.88
C GLN A 353 -4.46 21.50 18.35
N MET A 354 -3.62 22.35 17.78
CA MET A 354 -3.51 22.64 16.31
C MET A 354 -4.30 23.88 15.89
N HIS A 355 -5.48 24.07 16.47
CA HIS A 355 -6.12 25.37 16.48
C HIS A 355 -5.23 26.19 17.39
N GLY A 356 -4.84 27.36 16.94
CA GLY A 356 -3.79 28.11 17.61
C GLY A 356 -2.42 27.53 17.23
N MET A 357 -2.33 27.03 16.01
CA MET A 357 -1.06 26.71 15.32
C MET A 357 -0.09 27.87 15.51
N MET A 358 -0.65 29.08 15.49
CA MET A 358 0.10 30.34 15.50
C MET A 358 1.06 30.49 16.68
N GLY A 359 0.63 30.09 17.86
CA GLY A 359 1.42 30.30 19.08
C GLY A 359 2.36 29.18 19.50
N LYS A 360 2.38 28.09 18.73
CA LYS A 360 3.10 26.90 19.13
C LYS A 360 4.57 26.90 18.69
N SER A 361 5.46 26.51 19.61
CA SER A 361 6.84 26.15 19.31
C SER A 361 6.89 24.87 18.49
N GLU A 362 8.04 24.57 17.89
CA GLU A 362 8.26 23.30 17.21
C GLU A 362 7.93 22.11 18.12
N GLY A 363 8.37 22.20 19.37
CA GLY A 363 8.11 21.15 20.35
C GLY A 363 6.65 20.87 20.63
N GLU A 364 5.84 21.93 20.74
CA GLU A 364 4.41 21.80 21.04
C GLU A 364 3.54 21.31 19.88
N LEU A 365 3.97 21.63 18.65
CA LEU A 365 3.32 21.07 17.46
C LEU A 365 3.44 19.54 17.46
N LYS A 366 4.63 19.07 17.87
CA LYS A 366 4.98 17.64 17.90
C LYS A 366 4.07 16.87 18.86
N ILE A 367 3.82 17.47 20.04
CA ILE A 367 2.89 16.90 21.02
C ILE A 367 1.46 16.84 20.48
N ALA A 368 1.05 17.93 19.83
CA ALA A 368 -0.25 18.03 19.19
C ALA A 368 -0.42 16.93 18.13
N LEU A 369 0.57 16.81 17.25
CA LEU A 369 0.52 15.81 16.19
C LEU A 369 0.38 14.38 16.73
N ALA A 370 1.04 14.11 17.85
CA ALA A 370 1.15 12.77 18.44
C ALA A 370 -0.10 12.29 19.19
N SER A 371 -1.06 13.19 19.42
CA SER A 371 -2.27 12.82 20.15
C SER A 371 -3.53 13.14 19.33
N MET A 372 -3.33 13.34 18.04
CA MET A 372 -4.35 13.89 17.20
C MET A 372 -5.17 12.81 16.45
N PHE A 373 -4.54 11.74 16.02
CA PHE A 373 -5.15 10.75 15.13
C PHE A 373 -5.48 9.51 15.96
N LEU A 374 -6.77 9.23 16.14
CA LEU A 374 -7.25 8.27 17.11
C LEU A 374 -8.02 7.08 16.52
N ILE A 375 -7.93 5.93 17.18
CA ILE A 375 -8.84 4.82 16.93
C ILE A 375 -9.56 4.44 18.22
N ASN A 376 -10.88 4.45 18.17
CA ASN A 376 -11.71 4.18 19.35
C ASN A 376 -11.28 5.05 20.51
N ARG A 377 -11.10 6.34 20.22
CA ARG A 377 -10.68 7.40 21.15
C ARG A 377 -9.28 7.25 21.80
N LYS A 378 -8.45 6.36 21.27
CA LYS A 378 -7.09 6.14 21.84
C LYS A 378 -5.98 6.28 20.80
N SER A 379 -4.78 6.63 21.27
CA SER A 379 -3.56 6.51 20.44
C SER A 379 -2.89 5.17 20.69
N TYR A 380 -2.18 4.68 19.67
CA TYR A 380 -1.45 3.43 19.78
C TYR A 380 -0.56 3.30 21.03
N ASP A 381 -0.71 2.21 21.75
CA ASP A 381 0.21 1.84 22.83
C ASP A 381 0.75 0.47 22.44
N LEU A 382 2.07 0.39 22.22
CA LEU A 382 2.73 -0.87 21.82
C LEU A 382 2.32 -2.04 22.73
N LYS A 383 2.06 -1.74 23.99
CA LYS A 383 1.86 -2.76 24.99
C LYS A 383 0.40 -3.12 25.24
N ARG A 384 -0.53 -2.29 24.75
CA ARG A 384 -1.95 -2.44 25.09
C ARG A 384 -2.69 -3.31 24.08
N ILE A 385 -3.39 -4.32 24.59
CA ILE A 385 -4.28 -5.12 23.74
C ILE A 385 -5.62 -4.39 23.67
N ASP A 386 -6.02 -3.95 22.47
CA ASP A 386 -7.23 -3.14 22.34
C ASP A 386 -8.44 -4.02 22.11
N LEU A 387 -8.25 -5.10 21.37
CA LEU A 387 -9.38 -5.93 20.95
C LEU A 387 -8.94 -7.38 20.93
N SER A 388 -9.93 -8.25 21.05
CA SER A 388 -9.66 -9.67 21.07
C SER A 388 -10.67 -10.42 20.21
N SER A 389 -10.15 -11.33 19.38
CA SER A 389 -10.95 -12.15 18.50
C SER A 389 -10.57 -13.62 18.67
N LYS A 390 -11.47 -14.50 18.24
CA LYS A 390 -11.29 -15.92 18.38
C LYS A 390 -10.80 -16.52 17.05
N LEU A 391 -9.81 -17.41 17.19
CA LEU A 391 -9.14 -18.11 16.11
C LEU A 391 -10.13 -18.78 15.15
N GLY A 392 -10.10 -18.36 13.88
CA GLY A 392 -10.90 -18.98 12.83
C GLY A 392 -12.37 -18.61 12.82
N VAL A 393 -12.77 -17.65 13.67
CA VAL A 393 -14.19 -17.26 13.80
C VAL A 393 -14.51 -16.12 12.84
N VAL A 394 -15.62 -16.25 12.11
CA VAL A 394 -16.01 -15.20 11.16
C VAL A 394 -16.61 -14.00 11.92
N GLU A 395 -16.10 -12.80 11.62
CA GLU A 395 -16.58 -11.57 12.27
C GLU A 395 -16.93 -10.51 11.26
N ASP A 396 -17.87 -9.64 11.63
CA ASP A 396 -18.04 -8.39 10.89
C ASP A 396 -17.43 -7.25 11.69
N TRP A 397 -16.58 -6.48 11.02
CA TRP A 397 -15.98 -5.28 11.61
C TRP A 397 -16.68 -4.08 11.00
N ILE A 398 -17.22 -3.23 11.89
CA ILE A 398 -17.90 -1.99 11.50
C ILE A 398 -16.90 -0.86 11.65
N VAL A 399 -16.45 -0.35 10.51
CA VAL A 399 -15.40 0.65 10.47
C VAL A 399 -16.00 2.02 10.13
N ILE A 400 -15.87 2.97 11.04
CA ILE A 400 -16.52 4.26 10.89
C ILE A 400 -15.50 5.38 10.94
N ASN A 401 -15.63 6.32 10.00
CA ASN A 401 -14.77 7.47 9.96
C ASN A 401 -15.49 8.73 10.47
N LYS A 402 -15.23 9.11 11.70
CA LYS A 402 -15.91 10.32 12.22
C LYS A 402 -15.11 11.62 11.98
N SER A 403 -14.01 11.55 11.24
CA SER A 403 -13.20 12.72 11.03
C SER A 403 -13.57 13.35 9.70
N HIS A 404 -12.98 14.51 9.44
CA HIS A 404 -13.30 15.30 8.28
C HIS A 404 -12.57 14.82 7.01
N MET A 405 -11.65 13.86 7.13
CA MET A 405 -10.78 13.49 6.00
C MET A 405 -10.72 11.98 5.78
N ASP A 406 -10.50 11.53 4.55
CA ASP A 406 -10.44 10.09 4.25
C ASP A 406 -9.30 9.42 5.04
N HIS A 407 -9.49 8.18 5.47
CA HIS A 407 -8.39 7.37 6.00
C HIS A 407 -8.56 5.97 5.46
N PRO A 408 -7.48 5.41 4.91
CA PRO A 408 -7.61 4.02 4.41
C PRO A 408 -7.31 3.02 5.54
N PHE A 409 -8.26 2.14 5.85
CA PHE A 409 -8.14 1.21 6.96
C PHE A 409 -7.43 -0.08 6.54
N HIS A 410 -6.48 -0.55 7.33
CA HIS A 410 -5.78 -1.80 7.00
C HIS A 410 -5.77 -2.69 8.25
N ILE A 411 -6.03 -3.97 8.05
CA ILE A 411 -5.86 -4.95 9.12
C ILE A 411 -4.88 -6.05 8.70
N HIS A 412 -3.90 -6.34 9.55
CA HIS A 412 -2.87 -7.34 9.25
C HIS A 412 -3.44 -8.73 9.39
N GLY A 413 -2.88 -9.68 8.64
CA GLY A 413 -3.17 -11.09 8.93
C GLY A 413 -4.27 -11.76 8.13
N THR A 414 -5.10 -10.96 7.44
CA THR A 414 -6.30 -11.46 6.78
C THR A 414 -6.71 -10.66 5.57
N GLN A 415 -7.62 -11.24 4.77
CA GLN A 415 -8.36 -10.53 3.71
C GLN A 415 -9.81 -10.39 4.19
N PHE A 416 -10.41 -9.23 3.95
CA PHE A 416 -11.80 -9.03 4.31
C PHE A 416 -12.66 -8.77 3.08
N GLU A 417 -13.94 -9.02 3.24
CA GLU A 417 -14.90 -8.77 2.17
C GLU A 417 -15.80 -7.61 2.54
N LEU A 418 -15.78 -6.56 1.73
CA LEU A 418 -16.75 -5.46 1.94
C LEU A 418 -18.16 -5.99 1.73
N ILE A 419 -19.00 -5.81 2.74
CA ILE A 419 -20.40 -6.24 2.68
C ILE A 419 -21.30 -5.08 2.25
N SER A 420 -21.11 -3.93 2.86
CA SER A 420 -21.97 -2.80 2.65
C SER A 420 -21.32 -1.57 3.20
N SER A 421 -21.78 -0.43 2.75
CA SER A 421 -21.32 0.83 3.29
C SER A 421 -22.49 1.79 3.48
N LYS A 422 -22.27 2.80 4.32
CA LYS A 422 -23.25 3.86 4.56
C LYS A 422 -22.56 5.23 4.53
N LEU A 423 -23.21 6.21 3.90
CA LEU A 423 -22.69 7.56 3.93
C LEU A 423 -23.85 8.50 3.78
N ASN A 424 -23.84 9.59 4.55
CA ASN A 424 -24.88 10.61 4.54
C ASN A 424 -26.27 10.08 4.74
N GLY A 425 -26.40 9.05 5.58
CA GLY A 425 -27.74 8.51 5.91
C GLY A 425 -28.30 7.55 4.89
N LYS A 426 -27.48 7.17 3.92
CA LYS A 426 -27.89 6.21 2.88
C LYS A 426 -27.01 4.97 2.86
N VAL A 427 -27.57 3.83 2.47
CA VAL A 427 -26.79 2.58 2.43
C VAL A 427 -26.55 2.14 0.98
N GLN A 428 -25.40 1.53 0.72
CA GLN A 428 -25.06 1.02 -0.61
C GLN A 428 -24.50 -0.39 -0.37
N LYS A 429 -25.15 -1.42 -0.90
CA LYS A 429 -24.56 -2.75 -0.74
C LYS A 429 -23.30 -2.80 -1.65
N ALA A 430 -22.32 -3.60 -1.31
CA ALA A 430 -21.13 -3.74 -2.18
C ALA A 430 -21.49 -4.02 -3.65
N GLU A 431 -20.84 -3.32 -4.57
CA GLU A 431 -21.03 -3.53 -6.01
C GLU A 431 -20.63 -4.95 -6.50
N PHE A 432 -19.65 -5.58 -5.86
CA PHE A 432 -19.23 -6.98 -6.21
C PHE A 432 -18.50 -7.56 -5.02
N ARG A 433 -18.52 -8.87 -4.89
CA ARG A 433 -17.71 -9.48 -3.85
C ARG A 433 -16.21 -9.40 -4.21
N ALA A 434 -15.38 -8.98 -3.25
CA ALA A 434 -13.92 -8.96 -3.46
C ALA A 434 -13.23 -9.12 -2.13
N LEU A 435 -11.99 -9.61 -2.20
CA LEU A 435 -11.12 -9.66 -1.01
C LEU A 435 -10.10 -8.54 -1.06
N ARG A 436 -10.06 -7.75 0.02
CA ARG A 436 -9.13 -6.68 0.18
C ARG A 436 -8.49 -6.77 1.58
N ASP A 437 -7.36 -6.10 1.72
CA ASP A 437 -6.78 -5.99 3.08
C ASP A 437 -6.69 -4.55 3.52
N THR A 438 -7.03 -3.65 2.60
CA THR A 438 -6.98 -2.21 2.84
C THR A 438 -8.17 -1.56 2.16
N ILE A 439 -8.86 -0.64 2.83
CA ILE A 439 -10.05 -0.01 2.20
C ILE A 439 -10.19 1.44 2.60
N ASN A 440 -10.43 2.34 1.64
CA ASN A 440 -10.64 3.72 2.01
C ASN A 440 -11.94 3.91 2.81
N VAL A 441 -11.89 4.77 3.82
CA VAL A 441 -13.12 5.10 4.57
C VAL A 441 -13.34 6.59 4.45
N ARG A 442 -14.37 6.98 3.71
CA ARG A 442 -14.69 8.39 3.50
C ARG A 442 -15.14 9.10 4.78
N PRO A 443 -15.03 10.46 4.81
CA PRO A 443 -15.52 11.18 5.97
C PRO A 443 -16.98 10.88 6.23
N ASN A 444 -17.27 10.54 7.46
CA ASN A 444 -18.61 10.13 7.85
C ASN A 444 -19.14 8.82 7.31
N GLU A 445 -18.30 8.03 6.68
CA GLU A 445 -18.77 6.76 6.10
C GLU A 445 -18.66 5.59 7.10
N GLU A 446 -19.57 4.64 6.96
CA GLU A 446 -19.51 3.45 7.79
C GLU A 446 -19.42 2.22 6.89
N LEU A 447 -18.40 1.41 7.09
CA LEU A 447 -18.24 0.19 6.30
C LEU A 447 -18.47 -1.06 7.10
N ARG A 448 -18.99 -2.08 6.44
CA ARG A 448 -19.13 -3.39 7.07
C ARG A 448 -18.23 -4.40 6.34
N LEU A 449 -17.27 -4.96 7.08
CA LEU A 449 -16.17 -5.81 6.55
C LEU A 449 -16.19 -7.15 7.23
N ARG A 450 -16.27 -8.21 6.42
CA ARG A 450 -16.38 -9.58 6.92
C ARG A 450 -15.01 -10.27 6.81
N MET A 451 -14.56 -10.87 7.90
CA MET A 451 -13.24 -11.52 7.93
C MET A 451 -13.12 -12.56 9.05
N LYS A 452 -12.05 -13.36 8.99
CA LYS A 452 -11.63 -14.21 10.10
C LYS A 452 -10.11 -14.23 10.17
N GLN A 453 -9.58 -14.54 11.35
CA GLN A 453 -8.15 -14.67 11.59
C GLN A 453 -7.76 -16.14 11.77
N ASP A 454 -6.82 -16.62 10.98
CA ASP A 454 -6.49 -18.03 10.97
C ASP A 454 -5.21 -18.41 11.72
N PHE A 455 -4.56 -17.45 12.35
CA PHE A 455 -3.38 -17.73 13.16
C PHE A 455 -3.49 -17.02 14.49
N LYS A 456 -3.10 -17.70 15.58
CA LYS A 456 -3.05 -17.07 16.92
C LYS A 456 -1.98 -16.01 16.96
N GLY A 457 -2.14 -15.04 17.87
CA GLY A 457 -1.17 -13.98 18.09
C GLY A 457 -1.68 -12.56 17.83
N LEU A 458 -0.77 -11.61 17.92
CA LEU A 458 -1.09 -10.19 17.83
C LEU A 458 -1.11 -9.70 16.39
N ARG A 459 -2.11 -8.89 16.07
CA ARG A 459 -2.22 -8.23 14.76
C ARG A 459 -2.46 -6.73 14.96
N MET A 460 -2.01 -5.82 14.09
CA MET A 460 -2.47 -4.45 14.11
C MET A 460 -3.51 -4.16 13.05
N TYR A 461 -4.12 -3.14 13.36
CA TYR A 461 -5.01 -2.55 12.40
C TYR A 461 -4.77 -1.06 12.53
N HIS A 462 -4.83 -0.33 11.43
CA HIS A 462 -4.43 1.09 11.49
C HIS A 462 -4.84 1.78 10.25
N CYS A 463 -4.77 3.10 10.30
CA CYS A 463 -4.84 3.91 9.10
C CYS A 463 -3.58 3.63 8.30
N HIS A 464 -3.70 3.54 7.00
CA HIS A 464 -2.52 3.24 6.20
C HIS A 464 -1.96 4.51 5.51
N ILE A 465 -2.42 5.69 5.92
CA ILE A 465 -1.64 6.89 5.62
C ILE A 465 -0.49 6.81 6.62
N LEU A 466 0.72 6.57 6.10
CA LEU A 466 1.83 6.14 6.96
C LEU A 466 2.13 7.15 8.04
N GLU A 467 2.01 8.44 7.74
CA GLU A 467 2.31 9.42 8.78
C GLU A 467 1.29 9.33 9.93
N HIS A 468 0.02 9.03 9.62
CA HIS A 468 -1.02 8.87 10.68
C HIS A 468 -0.75 7.65 11.54
N GLU A 469 -0.36 6.55 10.89
CA GLU A 469 0.05 5.35 11.59
C GLU A 469 1.17 5.65 12.57
N ASP A 470 2.25 6.30 12.10
CA ASP A 470 3.37 6.61 12.99
C ASP A 470 3.00 7.56 14.12
N LEU A 471 1.99 8.42 13.91
CA LEU A 471 1.53 9.35 14.91
C LEU A 471 0.51 8.72 15.89
N GLY A 472 0.26 7.42 15.71
CA GLY A 472 -0.50 6.61 16.67
C GLY A 472 -1.89 6.14 16.26
N MET A 473 -2.21 6.23 14.96
CA MET A 473 -3.57 5.89 14.52
C MET A 473 -3.64 4.41 14.24
N MET A 474 -3.58 3.63 15.32
CA MET A 474 -3.31 2.20 15.25
C MET A 474 -3.73 1.56 16.58
N GLY A 475 -4.15 0.29 16.51
CA GLY A 475 -4.44 -0.52 17.69
C GLY A 475 -3.96 -1.98 17.56
N ASN A 476 -4.04 -2.73 18.66
CA ASN A 476 -3.67 -4.15 18.72
C ASN A 476 -4.84 -5.13 18.85
N LEU A 477 -4.85 -6.17 18.02
CA LEU A 477 -5.84 -7.25 18.08
C LEU A 477 -5.15 -8.51 18.56
N GLU A 478 -5.76 -9.17 19.55
CA GLU A 478 -5.24 -10.44 20.01
C GLU A 478 -6.11 -11.54 19.47
N VAL A 479 -5.50 -12.45 18.76
CA VAL A 479 -6.24 -13.61 18.27
C VAL A 479 -5.92 -14.84 19.13
N LYS A 480 -6.94 -15.39 19.79
CA LYS A 480 -6.76 -16.58 20.65
C LYS A 480 -7.64 -17.76 20.27
N GLU A 481 -7.26 -18.96 20.74
CA GLU A 481 -7.94 -20.21 20.41
C GLU A 481 -9.43 -20.18 20.78
#